data_2ZPT
#
_entry.id   2ZPT
#
_cell.length_a   155.819
_cell.length_b   67.600
_cell.length_c   42.696
_cell.angle_alpha   90.00
_cell.angle_beta   105.63
_cell.angle_gamma   90.00
#
_symmetry.space_group_name_H-M   'C 1 2 1'
#
loop_
_entity.id
_entity.type
_entity.pdbx_description
1 polymer 'Tyrosine-ester sulfotransferase'
2 non-polymer "ADENOSINE-3'-5'-DIPHOSPHATE"
3 non-polymer GLYCEROL
4 water water
#
_entity_poly.entity_id   1
_entity_poly.type   'polypeptide(L)'
_entity_poly.pdbx_seq_one_letter_code
;MDNKLDVFRRELVDVEGIPLFWSIAEHWSQVESFEARPDDILISTYPKSGTTWVSEILDLIYNNGDAEKCKRDAIYKRVP
FMELIIPGITNGVEMLNNMPSPRIVKTHLPVQLLPSSFWKNDCKIIYVARNAKDVVVSYYYFYQMAKIHPEPGTWEEFLE
KFMAGQVSFGPWYDHVKSWWEKRKEYRILYLFYEDMKENPKCEIQKILKFLEKDIPEEILNKILYHSSFSVMKENPSANY
TTMMKEEMDHSVSPFMRKGISGDWKNQFTVAQYEKFEEDYVKKMEDSTLKFRSEI
;
_entity_poly.pdbx_strand_id   X
#
# COMPACT_ATOMS: atom_id res chain seq x y z
N ASP A 6 16.13 -17.48 11.95
CA ASP A 6 15.32 -16.24 12.11
C ASP A 6 14.90 -15.66 10.75
N VAL A 7 13.59 -15.70 10.45
CA VAL A 7 13.09 -15.17 9.17
C VAL A 7 13.08 -13.64 9.16
N PHE A 8 13.23 -13.04 10.34
CA PHE A 8 13.11 -11.60 10.52
C PHE A 8 14.45 -10.89 10.50
N ARG A 9 14.39 -9.58 10.23
CA ARG A 9 15.54 -8.68 10.36
C ARG A 9 16.71 -8.97 9.41
N ARG A 10 16.45 -9.69 8.32
CA ARG A 10 17.49 -9.98 7.35
C ARG A 10 17.76 -8.82 6.41
N GLU A 11 18.91 -8.85 5.75
CA GLU A 11 19.19 -7.91 4.68
C GLU A 11 18.27 -8.17 3.48
N LEU A 12 17.93 -7.10 2.77
CA LEU A 12 17.16 -7.19 1.54
C LEU A 12 17.98 -7.85 0.44
N VAL A 13 17.27 -8.39 -0.55
CA VAL A 13 17.86 -9.11 -1.66
C VAL A 13 17.34 -8.49 -2.97
N ASP A 14 18.24 -8.26 -3.91
CA ASP A 14 17.85 -7.69 -5.19
C ASP A 14 16.96 -8.64 -5.98
N VAL A 15 15.86 -8.10 -6.50
CA VAL A 15 15.04 -8.79 -7.49
C VAL A 15 14.87 -7.82 -8.64
N GLU A 16 15.46 -8.16 -9.79
CA GLU A 16 15.33 -7.34 -10.98
C GLU A 16 15.57 -5.86 -10.69
N GLY A 17 16.61 -5.58 -9.92
CA GLY A 17 17.02 -4.20 -9.62
C GLY A 17 16.43 -3.59 -8.37
N ILE A 18 15.51 -4.28 -7.71
CA ILE A 18 14.76 -3.72 -6.58
C ILE A 18 15.04 -4.52 -5.30
N PRO A 19 15.37 -3.83 -4.18
CA PRO A 19 15.56 -4.57 -2.92
C PRO A 19 14.23 -5.08 -2.36
N LEU A 20 14.11 -6.39 -2.22
CA LEU A 20 12.90 -7.00 -1.67
C LEU A 20 13.28 -7.92 -0.51
N PHE A 21 12.27 -8.28 0.29
CA PHE A 21 12.52 -9.25 1.36
C PHE A 21 13.10 -10.54 0.78
N TRP A 22 14.00 -11.13 1.55
CA TRP A 22 14.75 -12.31 1.10
C TRP A 22 13.82 -13.44 0.66
N SER A 23 12.70 -13.60 1.35
CA SER A 23 11.81 -14.71 1.08
C SER A 23 10.93 -14.46 -0.14
N ILE A 24 10.68 -13.19 -0.46
CA ILE A 24 10.04 -12.86 -1.75
C ILE A 24 11.00 -13.22 -2.88
N ALA A 25 12.25 -12.83 -2.76
CA ALA A 25 13.25 -13.18 -3.76
C ALA A 25 13.34 -14.69 -3.96
N GLU A 26 13.35 -15.43 -2.84
CA GLU A 26 13.47 -16.88 -2.86
C GLU A 26 12.31 -17.55 -3.60
N HIS A 27 11.13 -16.95 -3.49
CA HIS A 27 9.91 -17.51 -4.08
C HIS A 27 9.41 -16.68 -5.25
N TRP A 28 10.32 -16.00 -5.92
CA TRP A 28 9.93 -15.07 -6.97
C TRP A 28 9.17 -15.77 -8.10
N SER A 29 9.48 -17.05 -8.36
CA SER A 29 8.81 -17.80 -9.42
CA SER A 29 8.81 -17.82 -9.41
CA SER A 29 8.82 -17.81 -9.42
C SER A 29 7.29 -17.77 -9.27
N GLN A 30 6.81 -17.90 -8.03
CA GLN A 30 5.37 -17.90 -7.76
C GLN A 30 4.77 -16.54 -8.02
N VAL A 31 5.54 -15.49 -7.76
CA VAL A 31 5.06 -14.14 -7.96
C VAL A 31 5.02 -13.82 -9.45
N GLU A 32 6.13 -14.03 -10.15
CA GLU A 32 6.20 -13.69 -11.57
CA GLU A 32 6.17 -13.66 -11.56
C GLU A 32 5.15 -14.44 -12.39
N SER A 33 4.84 -15.68 -11.98
CA SER A 33 3.86 -16.51 -12.68
CA SER A 33 3.87 -16.52 -12.67
C SER A 33 2.44 -16.35 -12.16
N PHE A 34 2.22 -15.38 -11.28
CA PHE A 34 0.89 -15.18 -10.70
C PHE A 34 -0.18 -15.09 -11.78
N GLU A 35 -1.27 -15.83 -11.58
CA GLU A 35 -2.40 -15.78 -12.51
CA GLU A 35 -2.40 -15.80 -12.49
CA GLU A 35 -2.41 -15.79 -12.50
C GLU A 35 -3.46 -14.80 -12.03
N ALA A 36 -3.58 -13.70 -12.76
CA ALA A 36 -4.61 -12.71 -12.49
C ALA A 36 -5.90 -13.13 -13.17
N ARG A 37 -6.98 -12.42 -12.85
CA ARG A 37 -8.29 -12.66 -13.45
C ARG A 37 -8.82 -11.31 -13.92
N PRO A 38 -9.64 -11.30 -15.00
CA PRO A 38 -10.07 -10.02 -15.57
C PRO A 38 -10.78 -9.07 -14.59
N ASP A 39 -11.49 -9.62 -13.60
CA ASP A 39 -12.23 -8.80 -12.64
C ASP A 39 -11.46 -8.53 -11.33
N ASP A 40 -10.19 -8.93 -11.25
CA ASP A 40 -9.38 -8.55 -10.10
C ASP A 40 -9.28 -7.02 -10.05
N ILE A 41 -9.33 -6.46 -8.84
CA ILE A 41 -8.96 -5.06 -8.65
C ILE A 41 -7.64 -5.05 -7.90
N LEU A 42 -6.64 -4.44 -8.49
CA LEU A 42 -5.31 -4.35 -7.89
C LEU A 42 -5.17 -3.02 -7.20
N ILE A 43 -4.86 -3.07 -5.90
CA ILE A 43 -4.48 -1.87 -5.16
C ILE A 43 -2.97 -1.85 -5.10
N SER A 44 -2.37 -0.84 -5.71
CA SER A 44 -0.94 -0.75 -5.88
C SER A 44 -0.44 0.52 -5.21
N THR A 45 0.57 0.39 -4.35
CA THR A 45 1.09 1.54 -3.63
C THR A 45 2.57 1.38 -3.35
N TYR A 46 3.29 2.49 -3.24
CA TYR A 46 4.55 2.47 -2.52
C TYR A 46 4.20 2.29 -1.03
N PRO A 47 5.01 1.52 -0.27
CA PRO A 47 4.71 1.35 1.15
C PRO A 47 4.36 2.66 1.88
N LYS A 48 3.34 2.57 2.73
CA LYS A 48 2.97 3.62 3.68
C LYS A 48 2.19 4.76 3.06
N SER A 49 1.56 4.49 1.93
CA SER A 49 0.89 5.53 1.15
C SER A 49 -0.63 5.51 1.25
N GLY A 50 -1.19 4.61 2.05
CA GLY A 50 -2.64 4.48 2.18
C GLY A 50 -3.22 3.15 1.71
N THR A 51 -2.38 2.12 1.69
CA THR A 51 -2.79 0.81 1.22
C THR A 51 -3.95 0.23 2.02
N THR A 52 -3.79 0.26 3.34
CA THR A 52 -4.79 -0.34 4.23
C THR A 52 -6.08 0.45 4.17
N TRP A 53 -5.96 1.77 4.16
CA TRP A 53 -7.10 2.66 4.07
C TRP A 53 -7.94 2.33 2.83
N VAL A 54 -7.30 2.29 1.68
CA VAL A 54 -8.02 2.02 0.43
CA VAL A 54 -8.03 2.04 0.44
C VAL A 54 -8.50 0.57 0.36
N SER A 55 -7.73 -0.36 0.91
CA SER A 55 -8.16 -1.76 0.95
C SER A 55 -9.47 -1.90 1.72
N GLU A 56 -9.55 -1.24 2.87
CA GLU A 56 -10.75 -1.28 3.70
C GLU A 56 -11.92 -0.63 2.97
N ILE A 57 -11.68 0.52 2.32
CA ILE A 57 -12.71 1.15 1.50
C ILE A 57 -13.24 0.19 0.45
N LEU A 58 -12.35 -0.49 -0.27
CA LEU A 58 -12.78 -1.42 -1.31
CA LEU A 58 -12.80 -1.40 -1.33
CA LEU A 58 -12.80 -1.41 -1.32
C LEU A 58 -13.58 -2.58 -0.76
N ASP A 59 -13.11 -3.13 0.35
CA ASP A 59 -13.85 -4.25 0.94
C ASP A 59 -15.22 -3.80 1.44
N LEU A 60 -15.28 -2.59 2.00
CA LEU A 60 -16.56 -2.00 2.38
C LEU A 60 -17.48 -1.82 1.18
N ILE A 61 -16.95 -1.32 0.07
CA ILE A 61 -17.75 -1.19 -1.15
C ILE A 61 -18.29 -2.55 -1.58
N TYR A 62 -17.42 -3.55 -1.62
CA TYR A 62 -17.81 -4.88 -2.07
C TYR A 62 -18.85 -5.53 -1.16
N ASN A 63 -18.88 -5.08 0.08
CA ASN A 63 -19.85 -5.60 1.05
C ASN A 63 -20.98 -4.62 1.38
N ASN A 64 -21.18 -3.66 0.49
CA ASN A 64 -22.27 -2.68 0.63
CA ASN A 64 -22.25 -2.66 0.63
C ASN A 64 -22.28 -1.97 1.99
N GLY A 65 -21.10 -1.67 2.51
CA GLY A 65 -20.96 -0.96 3.77
C GLY A 65 -21.22 -1.77 5.01
N ASP A 66 -21.37 -3.08 4.87
CA ASP A 66 -21.69 -3.96 5.99
C ASP A 66 -20.45 -4.18 6.86
N ALA A 67 -20.40 -3.47 7.99
CA ALA A 67 -19.24 -3.52 8.89
C ALA A 67 -18.97 -4.92 9.43
N GLU A 68 -20.03 -5.69 9.73
CA GLU A 68 -19.84 -7.04 10.25
CA GLU A 68 -19.88 -7.05 10.23
CA GLU A 68 -19.85 -7.04 10.24
C GLU A 68 -19.21 -7.96 9.20
N LYS A 69 -19.64 -7.84 7.94
CA LYS A 69 -19.05 -8.66 6.89
C LYS A 69 -17.56 -8.33 6.73
N CYS A 70 -17.20 -7.06 6.90
CA CYS A 70 -15.81 -6.63 6.78
C CYS A 70 -14.94 -7.04 7.96
N LYS A 71 -15.58 -7.64 8.98
CA LYS A 71 -14.83 -8.19 10.11
CA LYS A 71 -14.90 -8.19 10.16
CA LYS A 71 -14.85 -8.18 10.13
C LYS A 71 -14.72 -9.70 10.04
N ARG A 72 -15.02 -10.25 8.87
CA ARG A 72 -14.95 -11.70 8.69
C ARG A 72 -13.52 -12.23 8.89
N ASP A 73 -12.53 -11.37 8.65
CA ASP A 73 -11.14 -11.73 8.87
C ASP A 73 -10.31 -10.44 8.87
N ALA A 74 -9.04 -10.56 9.23
CA ALA A 74 -8.13 -9.43 9.21
C ALA A 74 -7.96 -8.91 7.79
N ILE A 75 -7.64 -7.62 7.67
CA ILE A 75 -7.52 -6.98 6.35
C ILE A 75 -6.50 -7.69 5.46
N TYR A 76 -5.43 -8.20 6.06
CA TYR A 76 -4.36 -8.84 5.28
C TYR A 76 -4.74 -10.24 4.80
N LYS A 77 -5.88 -10.75 5.27
CA LYS A 77 -6.45 -11.98 4.73
C LYS A 77 -7.59 -11.66 3.77
N ARG A 78 -8.35 -10.60 4.03
CA ARG A 78 -9.41 -10.17 3.13
C ARG A 78 -8.85 -9.65 1.81
N VAL A 79 -7.71 -8.95 1.90
CA VAL A 79 -7.07 -8.30 0.76
C VAL A 79 -5.59 -8.72 0.79
N PRO A 80 -5.29 -9.90 0.25
CA PRO A 80 -3.94 -10.42 0.37
C PRO A 80 -2.86 -9.56 -0.27
N PHE A 81 -1.70 -9.50 0.41
CA PHE A 81 -0.48 -8.86 -0.05
C PHE A 81 0.19 -9.90 -0.94
N MET A 82 -0.05 -9.74 -2.25
CA MET A 82 0.28 -10.75 -3.25
CA MET A 82 0.29 -10.77 -3.24
C MET A 82 1.71 -11.31 -3.13
N GLU A 83 2.70 -10.42 -3.22
CA GLU A 83 4.08 -10.88 -3.29
C GLU A 83 4.67 -11.29 -1.96
N LEU A 84 3.98 -11.03 -0.86
CA LEU A 84 4.55 -11.34 0.45
C LEU A 84 4.44 -12.82 0.75
N ILE A 85 5.59 -13.46 0.70
CA ILE A 85 5.77 -14.87 1.02
C ILE A 85 6.88 -14.94 2.04
N ILE A 86 6.58 -15.52 3.20
CA ILE A 86 7.55 -15.70 4.28
C ILE A 86 7.41 -17.14 4.76
N PRO A 87 8.53 -17.89 4.78
CA PRO A 87 8.47 -19.31 5.12
C PRO A 87 7.85 -19.51 6.49
N GLY A 88 6.87 -20.41 6.56
CA GLY A 88 6.18 -20.74 7.80
C GLY A 88 5.17 -19.72 8.29
N ILE A 89 5.03 -18.60 7.58
CA ILE A 89 4.20 -17.50 8.07
CA ILE A 89 4.20 -17.51 8.07
C ILE A 89 3.06 -17.14 7.13
N THR A 90 3.37 -16.88 5.87
CA THR A 90 2.35 -16.41 4.94
C THR A 90 2.77 -16.64 3.49
N ASN A 91 1.76 -16.76 2.63
CA ASN A 91 2.00 -16.85 1.20
C ASN A 91 0.86 -16.14 0.48
N GLY A 92 1.11 -14.91 0.05
CA GLY A 92 0.06 -14.11 -0.57
C GLY A 92 -0.47 -14.71 -1.85
N VAL A 93 0.42 -15.32 -2.63
CA VAL A 93 0.04 -15.93 -3.90
C VAL A 93 -0.92 -17.09 -3.67
N GLU A 94 -0.60 -17.96 -2.70
CA GLU A 94 -1.44 -19.08 -2.30
CA GLU A 94 -1.46 -19.08 -2.39
C GLU A 94 -2.82 -18.59 -1.85
N MET A 95 -2.80 -17.56 -1.01
CA MET A 95 -4.03 -16.98 -0.48
CA MET A 95 -4.05 -17.01 -0.49
C MET A 95 -4.94 -16.52 -1.62
N LEU A 96 -4.34 -15.84 -2.60
CA LEU A 96 -5.10 -15.36 -3.74
C LEU A 96 -5.56 -16.49 -4.67
N ASN A 97 -4.70 -17.46 -4.90
CA ASN A 97 -5.06 -18.61 -5.74
C ASN A 97 -6.34 -19.26 -5.21
N ASN A 98 -6.49 -19.27 -3.89
CA ASN A 98 -7.62 -19.92 -3.21
C ASN A 98 -8.81 -19.01 -2.94
N MET A 99 -8.74 -17.77 -3.43
CA MET A 99 -9.77 -16.80 -3.16
CA MET A 99 -9.76 -16.76 -3.16
C MET A 99 -10.79 -16.70 -4.29
N PRO A 100 -12.10 -16.78 -3.94
CA PRO A 100 -13.11 -16.62 -4.99
C PRO A 100 -13.12 -15.19 -5.54
N SER A 101 -13.45 -15.06 -6.83
CA SER A 101 -13.66 -13.76 -7.45
C SER A 101 -14.95 -13.16 -6.89
N PRO A 102 -15.04 -11.81 -6.88
CA PRO A 102 -14.03 -10.85 -7.35
C PRO A 102 -12.97 -10.56 -6.29
N ARG A 103 -11.70 -10.70 -6.66
CA ARG A 103 -10.60 -10.52 -5.72
C ARG A 103 -10.12 -9.08 -5.66
N ILE A 104 -9.75 -8.66 -4.45
CA ILE A 104 -9.03 -7.42 -4.24
C ILE A 104 -7.60 -7.80 -3.86
N VAL A 105 -6.63 -7.27 -4.60
CA VAL A 105 -5.24 -7.69 -4.50
C VAL A 105 -4.40 -6.50 -4.06
N LYS A 106 -3.51 -6.69 -3.08
CA LYS A 106 -2.56 -5.66 -2.68
C LYS A 106 -1.18 -5.95 -3.23
N THR A 107 -0.51 -4.92 -3.74
CA THR A 107 0.89 -5.02 -4.11
C THR A 107 1.63 -3.74 -3.79
N HIS A 108 2.94 -3.87 -3.59
CA HIS A 108 3.84 -2.73 -3.60
C HIS A 108 4.87 -2.81 -4.73
N LEU A 109 4.70 -3.73 -5.67
CA LEU A 109 5.74 -3.89 -6.68
C LEU A 109 5.87 -2.68 -7.59
N PRO A 110 7.11 -2.26 -7.87
CA PRO A 110 7.31 -1.30 -8.96
C PRO A 110 6.71 -1.85 -10.25
N VAL A 111 6.31 -0.94 -11.13
CA VAL A 111 5.59 -1.31 -12.37
CA VAL A 111 5.53 -1.36 -12.27
CA VAL A 111 5.62 -1.26 -12.41
C VAL A 111 6.28 -2.42 -13.13
N GLN A 112 7.59 -2.33 -13.23
CA GLN A 112 8.38 -3.22 -14.07
CA GLN A 112 8.37 -3.24 -14.06
C GLN A 112 8.46 -4.64 -13.49
N LEU A 113 8.11 -4.79 -12.20
CA LEU A 113 8.12 -6.10 -11.55
C LEU A 113 6.75 -6.71 -11.41
N LEU A 114 5.70 -5.97 -11.76
CA LEU A 114 4.35 -6.52 -11.61
C LEU A 114 4.20 -7.77 -12.48
N PRO A 115 3.59 -8.84 -11.93
CA PRO A 115 3.35 -10.02 -12.77
C PRO A 115 2.61 -9.66 -14.05
N SER A 116 3.11 -10.20 -15.16
CA SER A 116 2.60 -9.80 -16.47
CA SER A 116 2.61 -9.87 -16.50
C SER A 116 1.13 -10.17 -16.68
N SER A 117 0.63 -11.15 -15.94
CA SER A 117 -0.77 -11.55 -16.05
C SER A 117 -1.72 -10.37 -15.81
N PHE A 118 -1.35 -9.42 -14.95
CA PHE A 118 -2.21 -8.26 -14.74
C PHE A 118 -2.40 -7.45 -16.01
N TRP A 119 -1.33 -7.31 -16.78
CA TRP A 119 -1.40 -6.59 -18.06
C TRP A 119 -2.22 -7.39 -19.07
N LYS A 120 -1.94 -8.69 -19.15
CA LYS A 120 -2.62 -9.57 -20.11
C LYS A 120 -4.12 -9.63 -19.84
N ASN A 121 -4.51 -9.54 -18.56
CA ASN A 121 -5.92 -9.54 -18.20
C ASN A 121 -6.54 -8.15 -18.19
N ASP A 122 -5.72 -7.14 -18.48
CA ASP A 122 -6.15 -5.75 -18.54
C ASP A 122 -6.91 -5.33 -17.29
N CYS A 123 -6.40 -5.71 -16.13
CA CYS A 123 -7.08 -5.42 -14.87
C CYS A 123 -7.17 -3.93 -14.60
N LYS A 124 -8.25 -3.55 -13.92
CA LYS A 124 -8.33 -2.23 -13.29
C LYS A 124 -7.41 -2.16 -12.08
N ILE A 125 -6.76 -1.02 -11.93
CA ILE A 125 -5.78 -0.81 -10.87
C ILE A 125 -6.09 0.52 -10.19
N ILE A 126 -6.06 0.51 -8.86
CA ILE A 126 -6.12 1.74 -8.08
C ILE A 126 -4.73 1.93 -7.48
N TYR A 127 -4.07 3.02 -7.88
CA TYR A 127 -2.76 3.36 -7.33
C TYR A 127 -2.93 4.48 -6.34
N VAL A 128 -2.30 4.37 -5.17
CA VAL A 128 -2.35 5.45 -4.18
C VAL A 128 -0.95 5.96 -3.92
N ALA A 129 -0.81 7.27 -4.07
CA ALA A 129 0.45 7.98 -3.79
C ALA A 129 0.27 8.89 -2.59
N ARG A 130 1.38 9.16 -1.91
CA ARG A 130 1.40 10.01 -0.74
C ARG A 130 2.69 10.82 -0.81
N ASN A 131 2.68 12.03 -0.28
CA ASN A 131 3.86 12.88 -0.39
C ASN A 131 5.07 12.21 0.26
N ALA A 132 6.22 12.35 -0.39
CA ALA A 132 7.41 11.56 -0.03
C ALA A 132 7.86 11.77 1.41
N LYS A 133 7.78 13.01 1.90
CA LYS A 133 8.25 13.29 3.27
C LYS A 133 7.41 12.56 4.31
N ASP A 134 6.09 12.54 4.13
CA ASP A 134 5.23 11.81 5.05
C ASP A 134 5.43 10.30 4.90
N VAL A 135 5.68 9.82 3.68
CA VAL A 135 5.97 8.41 3.46
C VAL A 135 7.22 7.98 4.24
N VAL A 136 8.32 8.73 4.11
CA VAL A 136 9.55 8.26 4.75
C VAL A 136 9.41 8.24 6.28
N VAL A 137 8.68 9.20 6.84
CA VAL A 137 8.43 9.18 8.29
C VAL A 137 7.62 7.94 8.68
N SER A 138 6.51 7.70 7.99
CA SER A 138 5.68 6.54 8.25
C SER A 138 6.50 5.25 8.11
N TYR A 139 7.37 5.22 7.11
CA TYR A 139 8.13 4.02 6.78
C TYR A 139 9.22 3.75 7.82
N TYR A 140 9.79 4.81 8.38
CA TYR A 140 10.79 4.68 9.43
C TYR A 140 10.21 3.93 10.63
N TYR A 141 9.05 4.40 11.11
CA TYR A 141 8.41 3.75 12.25
C TYR A 141 7.94 2.35 11.89
N PHE A 142 7.48 2.16 10.66
CA PHE A 142 7.05 0.84 10.22
C PHE A 142 8.23 -0.15 10.19
N TYR A 143 9.38 0.30 9.70
CA TYR A 143 10.60 -0.52 9.75
C TYR A 143 10.92 -0.99 11.16
N GLN A 144 10.68 -0.12 12.15
CA GLN A 144 10.97 -0.46 13.53
CA GLN A 144 10.97 -0.45 13.53
C GLN A 144 10.03 -1.56 14.04
N MET A 145 8.75 -1.45 13.74
CA MET A 145 7.76 -2.35 14.31
C MET A 145 7.54 -3.64 13.53
N ALA A 146 7.72 -3.57 12.20
CA ALA A 146 7.45 -4.70 11.33
C ALA A 146 8.77 -5.41 11.05
N LYS A 147 8.96 -6.51 11.78
CA LYS A 147 10.27 -7.13 11.95
C LYS A 147 10.83 -7.84 10.71
N ILE A 148 10.01 -8.03 9.68
CA ILE A 148 10.53 -8.58 8.44
C ILE A 148 11.58 -7.67 7.79
N HIS A 149 11.51 -6.36 8.09
CA HIS A 149 12.45 -5.38 7.55
C HIS A 149 13.82 -5.49 8.21
N PRO A 150 14.87 -5.04 7.50
CA PRO A 150 16.15 -4.87 8.19
C PRO A 150 16.02 -3.78 9.25
N GLU A 151 16.94 -3.75 10.21
CA GLU A 151 16.99 -2.64 11.15
CA GLU A 151 17.02 -2.65 11.16
C GLU A 151 17.08 -1.33 10.39
N PRO A 152 16.21 -0.35 10.75
CA PRO A 152 16.33 0.93 10.04
C PRO A 152 17.52 1.81 10.44
N GLY A 153 18.06 1.58 11.64
CA GLY A 153 19.07 2.46 12.21
C GLY A 153 18.43 3.73 12.74
N THR A 154 19.22 4.80 12.82
CA THR A 154 18.69 6.09 13.27
C THR A 154 17.81 6.72 12.19
N TRP A 155 17.01 7.70 12.58
CA TRP A 155 16.24 8.44 11.62
C TRP A 155 17.11 9.01 10.51
N GLU A 156 18.26 9.60 10.85
CA GLU A 156 19.19 10.18 9.88
CA GLU A 156 19.10 10.19 9.82
C GLU A 156 19.64 9.12 8.86
N GLU A 157 20.03 7.97 9.38
CA GLU A 157 20.48 6.86 8.53
C GLU A 157 19.37 6.39 7.60
N PHE A 158 18.16 6.24 8.16
CA PHE A 158 17.05 5.76 7.38
C PHE A 158 16.65 6.77 6.29
N LEU A 159 16.62 8.05 6.63
CA LEU A 159 16.30 9.10 5.67
C LEU A 159 17.25 9.03 4.48
N GLU A 160 18.54 8.86 4.75
CA GLU A 160 19.53 8.75 3.68
CA GLU A 160 19.56 8.73 3.70
C GLU A 160 19.29 7.51 2.82
N LYS A 161 18.98 6.38 3.46
CA LYS A 161 18.64 5.15 2.72
CA LYS A 161 18.66 5.17 2.69
C LYS A 161 17.43 5.38 1.82
N PHE A 162 16.42 6.04 2.36
CA PHE A 162 15.20 6.32 1.59
C PHE A 162 15.50 7.17 0.37
N MET A 163 16.28 8.24 0.57
CA MET A 163 16.63 9.11 -0.55
C MET A 163 17.38 8.35 -1.63
N ALA A 164 18.21 7.38 -1.20
CA ALA A 164 19.01 6.59 -2.13
C ALA A 164 18.25 5.39 -2.70
N GLY A 165 17.01 5.18 -2.26
CA GLY A 165 16.22 4.03 -2.71
C GLY A 165 16.66 2.69 -2.15
N GLN A 166 17.46 2.72 -1.09
CA GLN A 166 18.00 1.51 -0.47
CA GLN A 166 17.99 1.51 -0.47
C GLN A 166 17.08 1.04 0.66
N VAL A 167 15.81 0.83 0.31
CA VAL A 167 14.78 0.40 1.24
C VAL A 167 13.93 -0.61 0.52
N SER A 168 13.13 -1.35 1.28
CA SER A 168 12.26 -2.35 0.73
C SER A 168 11.31 -1.74 -0.32
N PHE A 169 11.28 -2.39 -1.48
CA PHE A 169 10.51 -1.95 -2.67
C PHE A 169 11.15 -0.81 -3.46
N GLY A 170 12.37 -0.44 -3.09
CA GLY A 170 13.16 0.49 -3.89
C GLY A 170 12.77 1.94 -3.71
N PRO A 171 13.21 2.79 -4.65
CA PRO A 171 12.99 4.22 -4.51
C PRO A 171 11.54 4.66 -4.70
N TRP A 172 11.09 5.54 -3.82
CA TRP A 172 9.76 6.12 -3.91
C TRP A 172 9.61 6.89 -5.22
N TYR A 173 10.66 7.61 -5.60
CA TYR A 173 10.60 8.53 -6.73
C TYR A 173 10.24 7.79 -8.01
N ASP A 174 10.98 6.73 -8.29
CA ASP A 174 10.74 5.94 -9.50
CA ASP A 174 10.73 5.92 -9.49
C ASP A 174 9.40 5.21 -9.41
N HIS A 175 9.03 4.75 -8.21
CA HIS A 175 7.78 4.01 -8.04
C HIS A 175 6.60 4.88 -8.47
N VAL A 176 6.49 6.07 -7.89
CA VAL A 176 5.34 6.91 -8.18
C VAL A 176 5.36 7.44 -9.61
N LYS A 177 6.55 7.77 -10.12
CA LYS A 177 6.65 8.32 -11.48
C LYS A 177 6.29 7.28 -12.53
N SER A 178 6.81 6.06 -12.38
CA SER A 178 6.56 5.04 -13.41
CA SER A 178 6.56 5.04 -13.41
C SER A 178 5.12 4.54 -13.37
N TRP A 179 4.54 4.44 -12.18
CA TRP A 179 3.13 4.09 -12.07
C TRP A 179 2.24 5.19 -12.66
N TRP A 180 2.65 6.44 -12.51
CA TRP A 180 1.93 7.56 -13.10
C TRP A 180 1.95 7.46 -14.62
N GLU A 181 3.12 7.19 -15.20
CA GLU A 181 3.25 7.03 -16.66
CA GLU A 181 3.22 7.05 -16.65
C GLU A 181 2.40 5.86 -17.16
N LYS A 182 2.31 4.80 -16.34
CA LYS A 182 1.59 3.60 -16.72
C LYS A 182 0.10 3.81 -16.93
N ARG A 183 -0.43 4.90 -16.37
CA ARG A 183 -1.86 5.18 -16.50
C ARG A 183 -2.28 5.40 -17.96
N LYS A 184 -1.32 5.61 -18.86
CA LYS A 184 -1.62 5.75 -20.29
C LYS A 184 -1.78 4.41 -20.98
N GLU A 185 -1.33 3.34 -20.35
CA GLU A 185 -1.35 2.01 -20.95
C GLU A 185 -2.46 1.12 -20.40
N TYR A 186 -2.84 1.34 -19.14
CA TYR A 186 -3.82 0.50 -18.45
C TYR A 186 -4.73 1.40 -17.64
N ARG A 187 -5.89 0.88 -17.26
CA ARG A 187 -6.86 1.62 -16.47
C ARG A 187 -6.38 1.72 -15.03
N ILE A 188 -5.82 2.88 -14.70
CA ILE A 188 -5.29 3.14 -13.38
C ILE A 188 -5.93 4.38 -12.81
N LEU A 189 -6.65 4.23 -11.71
CA LEU A 189 -7.16 5.35 -10.95
C LEU A 189 -6.07 5.76 -9.99
N TYR A 190 -5.50 6.94 -10.20
CA TYR A 190 -4.30 7.34 -9.47
C TYR A 190 -4.72 8.37 -8.42
N LEU A 191 -4.73 7.92 -7.17
CA LEU A 191 -5.25 8.70 -6.05
C LEU A 191 -4.12 9.21 -5.18
N PHE A 192 -4.42 10.26 -4.40
CA PHE A 192 -3.48 10.83 -3.46
C PHE A 192 -4.03 10.77 -2.06
N TYR A 193 -3.20 10.26 -1.15
CA TYR A 193 -3.52 10.21 0.28
C TYR A 193 -4.04 11.57 0.80
N GLU A 194 -3.38 12.65 0.39
CA GLU A 194 -3.73 13.97 0.87
C GLU A 194 -5.14 14.39 0.44
N ASP A 195 -5.55 13.95 -0.76
CA ASP A 195 -6.91 14.21 -1.24
C ASP A 195 -7.94 13.45 -0.43
N MET A 196 -7.59 12.22 -0.06
CA MET A 196 -8.45 11.40 0.78
CA MET A 196 -8.42 11.37 0.79
CA MET A 196 -8.48 11.40 0.77
C MET A 196 -8.59 12.00 2.18
N LYS A 197 -7.51 12.61 2.68
CA LYS A 197 -7.56 13.32 3.95
C LYS A 197 -8.48 14.54 3.86
N GLU A 198 -8.37 15.28 2.76
CA GLU A 198 -9.09 16.55 2.62
C GLU A 198 -10.59 16.35 2.35
N ASN A 199 -10.91 15.39 1.49
CA ASN A 199 -12.29 15.17 1.09
C ASN A 199 -12.49 13.70 0.77
N PRO A 200 -12.61 12.86 1.81
CA PRO A 200 -12.73 11.43 1.57
C PRO A 200 -13.97 11.05 0.76
N LYS A 201 -15.07 11.77 0.92
CA LYS A 201 -16.27 11.47 0.15
C LYS A 201 -16.02 11.62 -1.34
N CYS A 202 -15.38 12.72 -1.72
CA CYS A 202 -15.05 12.96 -3.11
C CYS A 202 -14.20 11.83 -3.69
N GLU A 203 -13.21 11.38 -2.92
CA GLU A 203 -12.31 10.33 -3.39
C GLU A 203 -13.01 8.96 -3.48
N ILE A 204 -13.86 8.64 -2.50
CA ILE A 204 -14.63 7.40 -2.59
C ILE A 204 -15.58 7.43 -3.79
N GLN A 205 -16.16 8.59 -4.09
CA GLN A 205 -17.00 8.71 -5.28
CA GLN A 205 -17.00 8.75 -5.29
C GLN A 205 -16.20 8.45 -6.56
N LYS A 206 -14.94 8.90 -6.60
CA LYS A 206 -14.05 8.59 -7.72
CA LYS A 206 -14.07 8.58 -7.73
C LYS A 206 -13.84 7.08 -7.86
N ILE A 207 -13.62 6.40 -6.73
CA ILE A 207 -13.44 4.96 -6.74
C ILE A 207 -14.70 4.28 -7.27
N LEU A 208 -15.86 4.68 -6.75
CA LEU A 208 -17.13 4.08 -7.20
C LEU A 208 -17.33 4.22 -8.71
N LYS A 209 -17.07 5.42 -9.23
CA LYS A 209 -17.21 5.67 -10.66
CA LYS A 209 -17.23 5.65 -10.66
C LYS A 209 -16.26 4.77 -11.46
N PHE A 210 -15.01 4.68 -11.00
CA PHE A 210 -14.00 3.85 -11.66
C PHE A 210 -14.41 2.38 -11.67
N LEU A 211 -15.06 1.94 -10.61
CA LEU A 211 -15.55 0.57 -10.51
C LEU A 211 -16.87 0.35 -11.21
N GLU A 212 -17.43 1.41 -11.78
CA GLU A 212 -18.75 1.36 -12.45
C GLU A 212 -19.84 0.89 -11.48
N LYS A 213 -19.78 1.42 -10.25
CA LYS A 213 -20.78 1.13 -9.23
C LYS A 213 -21.52 2.39 -8.86
N ASP A 214 -22.84 2.27 -8.84
CA ASP A 214 -23.71 3.35 -8.39
CA ASP A 214 -23.72 3.35 -8.40
C ASP A 214 -24.48 2.85 -7.18
N ILE A 215 -24.23 3.48 -6.04
CA ILE A 215 -24.80 3.06 -4.77
C ILE A 215 -25.57 4.19 -4.10
N PRO A 216 -26.50 3.86 -3.20
CA PRO A 216 -27.21 4.91 -2.47
C PRO A 216 -26.30 5.74 -1.59
N GLU A 217 -26.67 7.00 -1.44
CA GLU A 217 -26.00 7.92 -0.54
CA GLU A 217 -25.97 7.90 -0.54
C GLU A 217 -25.81 7.32 0.85
N GLU A 218 -26.84 6.64 1.35
CA GLU A 218 -26.75 6.05 2.68
C GLU A 218 -25.63 5.02 2.81
N ILE A 219 -25.43 4.24 1.74
CA ILE A 219 -24.34 3.26 1.74
C ILE A 219 -22.98 3.96 1.65
N LEU A 220 -22.88 4.98 0.80
CA LEU A 220 -21.66 5.79 0.72
C LEU A 220 -21.29 6.31 2.11
N ASN A 221 -22.28 6.82 2.84
CA ASN A 221 -22.00 7.36 4.17
C ASN A 221 -21.54 6.30 5.17
N LYS A 222 -22.06 5.08 5.05
CA LYS A 222 -21.61 3.94 5.85
CA LYS A 222 -21.60 3.99 5.89
C LYS A 222 -20.14 3.65 5.58
N ILE A 223 -19.78 3.64 4.30
CA ILE A 223 -18.41 3.37 3.89
C ILE A 223 -17.48 4.47 4.40
N LEU A 224 -17.88 5.72 4.26
N LEU A 224 -17.91 5.71 4.26
CA LEU A 224 -17.10 6.83 4.79
CA LEU A 224 -17.18 6.88 4.75
C LEU A 224 -16.87 6.68 6.28
C LEU A 224 -16.92 6.81 6.26
N TYR A 225 -17.94 6.44 7.02
CA TYR A 225 -17.82 6.34 8.47
C TYR A 225 -16.82 5.26 8.87
N HIS A 226 -16.94 4.08 8.28
CA HIS A 226 -16.12 2.96 8.72
C HIS A 226 -14.69 2.99 8.22
N SER A 227 -14.41 3.84 7.25
CA SER A 227 -13.05 3.97 6.73
C SER A 227 -12.28 5.15 7.33
N SER A 228 -12.89 5.86 8.29
CA SER A 228 -12.16 6.93 8.96
C SER A 228 -11.06 6.36 9.85
N PHE A 229 -10.01 7.15 10.06
CA PHE A 229 -8.90 6.73 10.90
C PHE A 229 -9.37 6.39 12.32
N SER A 230 -10.25 7.20 12.89
CA SER A 230 -10.67 6.95 14.26
CA SER A 230 -10.75 6.99 14.25
C SER A 230 -11.36 5.60 14.41
N VAL A 231 -12.13 5.18 13.40
CA VAL A 231 -12.77 3.87 13.44
C VAL A 231 -11.74 2.77 13.14
N MET A 232 -10.97 2.94 12.07
CA MET A 232 -10.04 1.89 11.67
C MET A 232 -8.96 1.62 12.72
N LYS A 233 -8.51 2.67 13.41
CA LYS A 233 -7.45 2.55 14.42
CA LYS A 233 -7.43 2.49 14.37
C LYS A 233 -7.84 1.56 15.51
N GLU A 234 -9.12 1.54 15.85
CA GLU A 234 -9.62 0.69 16.93
C GLU A 234 -10.22 -0.63 16.46
N ASN A 235 -10.21 -0.86 15.16
CA ASN A 235 -10.83 -2.04 14.58
C ASN A 235 -9.79 -3.14 14.45
N PRO A 236 -9.91 -4.21 15.26
CA PRO A 236 -8.88 -5.25 15.19
C PRO A 236 -8.82 -5.99 13.87
N SER A 237 -9.88 -5.89 13.06
CA SER A 237 -9.84 -6.49 11.72
C SER A 237 -9.11 -5.62 10.70
N ALA A 238 -8.77 -4.38 11.08
CA ALA A 238 -8.12 -3.45 10.16
C ALA A 238 -6.78 -2.91 10.64
N ASN A 239 -6.48 -3.05 11.92
CA ASN A 239 -5.37 -2.30 12.52
C ASN A 239 -4.09 -3.11 12.74
N TYR A 240 -4.08 -4.33 12.23
CA TYR A 240 -2.90 -5.22 12.24
C TYR A 240 -2.54 -5.77 13.62
N THR A 241 -3.39 -5.53 14.63
CA THR A 241 -3.09 -6.06 15.97
C THR A 241 -3.26 -7.57 16.07
N THR A 242 -3.85 -8.20 15.05
CA THR A 242 -3.97 -9.67 15.00
C THR A 242 -2.68 -10.36 14.55
N MET A 243 -1.74 -9.58 14.03
CA MET A 243 -0.43 -10.09 13.61
C MET A 243 0.29 -10.70 14.80
N MET A 244 1.04 -11.77 14.57
CA MET A 244 1.92 -12.33 15.60
CA MET A 244 1.87 -12.30 15.64
C MET A 244 2.89 -11.25 16.04
N LYS A 245 3.18 -11.20 17.34
CA LYS A 245 4.06 -10.16 17.90
C LYS A 245 5.46 -10.20 17.29
N GLU A 246 5.91 -11.40 16.91
CA GLU A 246 7.22 -11.58 16.29
C GLU A 246 7.26 -10.90 14.92
N GLU A 247 6.11 -10.77 14.28
CA GLU A 247 6.00 -10.11 12.98
C GLU A 247 5.78 -8.60 13.09
N MET A 248 4.88 -8.18 13.98
CA MET A 248 4.65 -6.76 14.23
C MET A 248 4.52 -6.48 15.72
N ASP A 249 5.39 -5.62 16.23
CA ASP A 249 5.33 -5.23 17.63
C ASP A 249 4.78 -3.82 17.75
N HIS A 250 3.49 -3.71 18.04
CA HIS A 250 2.83 -2.41 18.10
C HIS A 250 3.29 -1.56 19.28
N SER A 251 3.94 -2.18 20.27
CA SER A 251 4.50 -1.42 21.39
CA SER A 251 4.51 -1.44 21.40
C SER A 251 5.71 -0.60 20.96
N VAL A 252 6.34 -1.00 19.86
CA VAL A 252 7.42 -0.21 19.27
C VAL A 252 6.80 0.99 18.55
N SER A 253 5.86 0.72 17.65
CA SER A 253 5.08 1.77 17.00
C SER A 253 3.80 1.10 16.50
N PRO A 254 2.63 1.71 16.75
CA PRO A 254 1.39 1.11 16.26
C PRO A 254 1.28 1.23 14.75
N PHE A 255 0.65 0.25 14.10
CA PHE A 255 0.46 0.32 12.66
C PHE A 255 -0.34 1.57 12.30
N MET A 256 -1.44 1.76 13.03
CA MET A 256 -2.30 2.93 12.86
C MET A 256 -1.69 4.02 13.75
N ARG A 257 -0.73 4.75 13.19
CA ARG A 257 0.19 5.55 13.98
C ARG A 257 -0.38 6.93 14.26
N LYS A 258 -0.51 7.76 13.24
CA LYS A 258 -1.11 9.09 13.39
C LYS A 258 -2.21 9.35 12.37
N GLY A 259 -2.02 8.88 11.14
CA GLY A 259 -3.07 9.04 10.12
C GLY A 259 -3.33 10.47 9.70
N ILE A 260 -2.29 11.29 9.67
CA ILE A 260 -2.41 12.68 9.24
C ILE A 260 -1.53 12.97 8.04
N SER A 261 -1.73 14.15 7.46
CA SER A 261 -0.77 14.68 6.49
CA SER A 261 -0.78 14.69 6.49
CA SER A 261 -0.80 14.70 6.48
C SER A 261 0.00 15.80 7.16
N GLY A 262 1.31 15.78 7.01
CA GLY A 262 2.17 16.80 7.59
C GLY A 262 2.99 16.36 8.80
N ASP A 263 2.98 15.08 9.14
CA ASP A 263 3.82 14.60 10.25
C ASP A 263 5.30 14.78 9.96
N TRP A 264 5.66 14.95 8.68
CA TRP A 264 7.05 15.20 8.33
C TRP A 264 7.63 16.39 9.12
N LYS A 265 6.81 17.38 9.44
CA LYS A 265 7.31 18.54 10.17
C LYS A 265 7.82 18.17 11.56
N ASN A 266 7.23 17.13 12.15
CA ASN A 266 7.63 16.67 13.47
C ASN A 266 8.92 15.86 13.47
N GLN A 267 9.31 15.36 12.30
CA GLN A 267 10.43 14.44 12.20
C GLN A 267 11.68 15.06 11.55
N PHE A 268 11.49 15.82 10.49
CA PHE A 268 12.60 16.40 9.74
C PHE A 268 13.17 17.60 10.47
N THR A 269 14.48 17.65 10.60
CA THR A 269 15.12 18.92 10.92
C THR A 269 15.01 19.85 9.73
N VAL A 270 15.17 21.14 9.98
CA VAL A 270 15.11 22.12 8.91
C VAL A 270 16.18 21.82 7.85
N ALA A 271 17.39 21.47 8.29
CA ALA A 271 18.45 21.11 7.36
C ALA A 271 18.11 19.85 6.55
N GLN A 272 17.54 18.85 7.20
CA GLN A 272 17.15 17.63 6.49
C GLN A 272 16.08 17.94 5.46
N TYR A 273 15.13 18.80 5.82
CA TYR A 273 14.08 19.24 4.92
C TYR A 273 14.65 19.95 3.68
N GLU A 274 15.54 20.92 3.91
CA GLU A 274 16.12 21.66 2.78
C GLU A 274 16.90 20.73 1.84
N LYS A 275 17.67 19.82 2.41
CA LYS A 275 18.44 18.85 1.63
C LYS A 275 17.51 17.92 0.85
N PHE A 276 16.44 17.48 1.50
CA PHE A 276 15.48 16.57 0.88
C PHE A 276 14.80 17.25 -0.30
N GLU A 277 14.42 18.52 -0.14
CA GLU A 277 13.75 19.26 -1.20
C GLU A 277 14.63 19.47 -2.41
N GLU A 278 15.89 19.82 -2.19
CA GLU A 278 16.82 20.03 -3.30
CA GLU A 278 16.83 20.03 -3.29
C GLU A 278 16.96 18.74 -4.11
N ASP A 279 17.09 17.62 -3.41
CA ASP A 279 17.20 16.31 -4.04
C ASP A 279 15.91 15.93 -4.78
N TYR A 280 14.78 16.22 -4.15
CA TYR A 280 13.46 15.92 -4.69
C TYR A 280 13.23 16.61 -6.03
N VAL A 281 13.50 17.91 -6.07
CA VAL A 281 13.31 18.70 -7.30
C VAL A 281 14.05 18.07 -8.47
N LYS A 282 15.30 17.68 -8.25
CA LYS A 282 16.11 17.08 -9.31
C LYS A 282 15.47 15.79 -9.83
N LYS A 283 14.93 14.98 -8.92
CA LYS A 283 14.35 13.70 -9.29
C LYS A 283 12.96 13.81 -9.91
N MET A 284 12.23 14.89 -9.60
CA MET A 284 10.81 14.95 -9.92
C MET A 284 10.38 16.05 -10.90
N GLU A 285 11.23 17.06 -11.14
CA GLU A 285 10.82 18.25 -11.91
CA GLU A 285 10.79 18.24 -11.90
C GLU A 285 10.36 17.97 -13.34
N ASP A 286 10.80 16.85 -13.91
CA ASP A 286 10.43 16.50 -15.29
C ASP A 286 9.12 15.71 -15.40
N SER A 287 8.65 15.15 -14.28
CA SER A 287 7.37 14.44 -14.23
C SER A 287 6.21 15.42 -14.07
N THR A 288 5.07 15.13 -14.68
CA THR A 288 3.87 15.97 -14.55
C THR A 288 3.12 15.72 -13.23
N LEU A 289 3.58 14.73 -12.46
CA LEU A 289 3.06 14.45 -11.13
C LEU A 289 3.21 15.65 -10.20
N LYS A 290 2.18 15.97 -9.40
CA LYS A 290 2.28 17.05 -8.40
C LYS A 290 1.68 16.62 -7.04
N PHE A 291 2.39 16.92 -5.95
CA PHE A 291 1.98 16.55 -4.59
C PHE A 291 1.80 17.73 -3.65
N ARG A 292 0.95 17.53 -2.64
CA ARG A 292 0.85 18.43 -1.50
C ARG A 292 1.45 17.75 -0.27
N SER A 293 2.11 18.51 0.60
CA SER A 293 2.77 17.94 1.79
C SER A 293 2.08 18.35 3.09
#